data_6TXQ
#
_entry.id   6TXQ
#
_cell.length_a   112.419
_cell.length_b   112.419
_cell.length_c   61.130
_cell.angle_alpha   90.000
_cell.angle_beta   90.000
_cell.angle_gamma   90.000
#
_symmetry.space_group_name_H-M   'P 43 21 2'
#
loop_
_entity.id
_entity.type
_entity.pdbx_description
1 polymer Moesin
2 non-polymer 'ACETATE ION'
3 water water
#
_entity_poly.entity_id   1
_entity_poly.type   'polypeptide(L)'
_entity_poly.pdbx_seq_one_letter_code
;SMPKTISVRVTTMDAELEFAIQPNTTGKQLFDQVVKTIGLREVWFFGLQYQDTKGFSTWLKLNKKVTAQDVRKESPLLFK
FRAKFYPEDVSEELIQDITQRLFFLQVKEGILNDDIYCPPETAVLLASYAVQSKYGDFNKEVHKSGYLAGDKLLPQRVLE
QHKLNKDQWEERIQVWHEEHRGMLREDAVLEYLKIAQDLEMYGVNYFSIKNKKGSELWLGVDALGLNIYEQNDRLTPKIG
FPWSEIRNISFNDKKFVIKPIDKKAPDFVFYAPRLRINKRILALCMGNHELYMRRRKPDTIEVQQMKAQAREEKHQKQME
RAMLENEKKKREMAEKEKEKIEREKEE
;
_entity_poly.pdbx_strand_id   AAA
#
loop_
_chem_comp.id
_chem_comp.type
_chem_comp.name
_chem_comp.formula
ACT non-polymer 'ACETATE ION' 'C2 H3 O2 -1'
#
# COMPACT_ATOMS: atom_id res chain seq x y z
N THR A 5 1.14 24.38 -22.57
CA THR A 5 0.58 23.54 -21.47
C THR A 5 0.82 22.05 -21.78
N ILE A 6 0.80 21.23 -20.73
CA ILE A 6 1.42 19.87 -20.70
C ILE A 6 0.32 18.88 -20.35
N SER A 7 0.18 17.86 -21.20
CA SER A 7 -0.79 16.76 -21.01
C SER A 7 -0.18 15.76 -20.03
N VAL A 8 -1.00 15.26 -19.12
CA VAL A 8 -0.55 14.31 -18.07
C VAL A 8 -1.55 13.17 -18.02
N ARG A 9 -1.04 11.94 -17.87
CA ARG A 9 -1.88 10.76 -17.56
C ARG A 9 -1.49 10.28 -16.16
N VAL A 10 -2.48 10.09 -15.33
CA VAL A 10 -2.30 9.50 -13.98
C VAL A 10 -3.12 8.22 -13.96
N THR A 11 -2.52 7.12 -13.56
CA THR A 11 -3.22 5.84 -13.38
C THR A 11 -3.29 5.54 -11.88
N THR A 12 -4.49 5.35 -11.35
CA THR A 12 -4.73 4.74 -10.02
C THR A 12 -4.68 3.23 -10.26
N MET A 13 -4.91 2.41 -9.23
CA MET A 13 -4.90 0.93 -9.41
C MET A 13 -6.09 0.52 -10.31
N ASP A 14 -7.14 1.33 -10.45
CA ASP A 14 -8.29 0.89 -11.28
C ASP A 14 -8.91 2.02 -12.12
N ALA A 15 -8.18 3.08 -12.45
CA ALA A 15 -8.74 4.23 -13.20
C ALA A 15 -7.64 4.93 -13.98
N GLU A 16 -7.99 5.41 -15.18
CA GLU A 16 -7.16 6.30 -16.00
C GLU A 16 -7.70 7.72 -15.83
N LEU A 17 -6.79 8.68 -15.67
CA LEU A 17 -7.15 10.11 -15.48
C LEU A 17 -6.25 10.95 -16.40
N GLU A 18 -6.82 11.99 -17.01
CA GLU A 18 -6.08 12.87 -17.94
C GLU A 18 -6.19 14.30 -17.41
N PHE A 19 -5.07 15.04 -17.37
CA PHE A 19 -5.04 16.47 -16.95
C PHE A 19 -4.16 17.29 -17.90
N ALA A 20 -4.38 18.60 -17.92
CA ALA A 20 -3.50 19.59 -18.58
C ALA A 20 -3.02 20.52 -17.47
N ILE A 21 -1.72 20.72 -17.35
CA ILE A 21 -1.15 21.66 -16.34
C ILE A 21 -0.37 22.74 -17.10
N GLN A 22 -0.28 23.94 -16.50
CA GLN A 22 0.76 24.97 -16.81
C GLN A 22 2.14 24.36 -16.57
N PRO A 23 3.22 24.87 -17.19
CA PRO A 23 4.59 24.44 -16.87
C PRO A 23 5.09 24.87 -15.49
N ASN A 24 4.34 25.74 -14.81
CA ASN A 24 4.64 26.27 -13.44
C ASN A 24 4.02 25.40 -12.33
N THR A 25 3.17 24.45 -12.71
CA THR A 25 2.33 23.64 -11.78
C THR A 25 3.27 22.91 -10.83
N THR A 26 2.99 22.96 -9.54
CA THR A 26 3.69 22.19 -8.51
C THR A 26 3.11 20.76 -8.49
N GLY A 27 3.90 19.84 -7.90
CA GLY A 27 3.38 18.52 -7.49
C GLY A 27 2.07 18.63 -6.75
N LYS A 28 1.99 19.48 -5.72
CA LYS A 28 0.78 19.61 -4.87
C LYS A 28 -0.42 19.96 -5.73
N GLN A 29 -0.32 20.87 -6.69
CA GLN A 29 -1.47 21.27 -7.55
C GLN A 29 -1.91 20.10 -8.45
N LEU A 30 -0.98 19.34 -9.01
CA LEU A 30 -1.35 18.15 -9.80
C LEU A 30 -2.01 17.12 -8.87
N PHE A 31 -1.37 16.82 -7.73
CA PHE A 31 -1.86 15.81 -6.75
C PHE A 31 -3.28 16.20 -6.30
N ASP A 32 -3.49 17.48 -5.94
CA ASP A 32 -4.82 17.99 -5.50
C ASP A 32 -5.85 17.71 -6.59
N GLN A 33 -5.54 17.88 -7.89
CA GLN A 33 -6.57 17.61 -8.94
C GLN A 33 -6.92 16.11 -8.94
N VAL A 34 -5.91 15.27 -8.75
CA VAL A 34 -6.10 13.81 -8.83
C VAL A 34 -7.07 13.38 -7.73
N VAL A 35 -6.80 13.80 -6.48
CA VAL A 35 -7.58 13.34 -5.31
C VAL A 35 -9.00 13.93 -5.38
N LYS A 36 -9.15 15.15 -5.87
CA LYS A 36 -10.49 15.78 -5.99
C LYS A 36 -11.30 14.96 -7.00
N THR A 37 -10.66 14.57 -8.09
CA THR A 37 -11.32 13.84 -9.19
C THR A 37 -11.87 12.51 -8.67
N ILE A 38 -11.08 11.74 -7.92
CA ILE A 38 -11.51 10.37 -7.48
C ILE A 38 -12.23 10.45 -6.14
N GLY A 39 -12.30 11.63 -5.53
CA GLY A 39 -13.06 11.84 -4.29
C GLY A 39 -12.33 11.29 -3.09
N LEU A 40 -11.00 11.37 -3.10
CA LEU A 40 -10.17 10.83 -1.99
C LEU A 40 -9.78 11.99 -1.06
N ARG A 41 -10.01 11.83 0.24
CA ARG A 41 -9.65 12.87 1.23
C ARG A 41 -8.56 12.37 2.19
N GLU A 42 -8.25 11.07 2.19
CA GLU A 42 -7.17 10.50 3.06
C GLU A 42 -5.84 10.59 2.32
N VAL A 43 -5.43 11.81 2.02
CA VAL A 43 -4.40 12.11 0.99
C VAL A 43 -3.01 11.82 1.56
N TRP A 44 -2.88 11.77 2.89
CA TRP A 44 -1.57 11.65 3.61
C TRP A 44 -0.89 10.32 3.26
N PHE A 45 -1.63 9.29 2.87
CA PHE A 45 -1.03 7.98 2.53
C PHE A 45 -0.38 7.97 1.14
N PHE A 46 -0.75 8.87 0.22
CA PHE A 46 -0.57 8.67 -1.24
C PHE A 46 0.50 9.60 -1.78
N GLY A 47 0.98 9.21 -2.95
CA GLY A 47 1.82 10.08 -3.78
C GLY A 47 1.71 9.67 -5.25
N LEU A 48 2.41 10.42 -6.06
CA LEU A 48 2.52 10.24 -7.50
C LEU A 48 3.91 9.70 -7.79
N GLN A 49 3.96 8.52 -8.39
CA GLN A 49 5.21 7.87 -8.80
C GLN A 49 5.38 8.06 -10.32
N TYR A 50 6.60 8.26 -10.76
CA TYR A 50 6.96 8.38 -12.19
C TYR A 50 8.31 7.73 -12.40
N GLN A 51 8.59 7.34 -13.65
CA GLN A 51 9.94 6.91 -14.07
C GLN A 51 10.72 8.17 -14.48
N ASP A 52 11.92 8.34 -13.95
CA ASP A 52 12.73 9.54 -14.22
C ASP A 52 13.53 9.32 -15.51
N THR A 53 14.35 10.30 -15.87
CA THR A 53 15.19 10.33 -17.08
C THR A 53 16.13 9.12 -17.22
N LYS A 54 16.47 8.45 -16.12
CA LYS A 54 17.36 7.24 -16.04
C LYS A 54 16.52 5.97 -15.86
N GLY A 55 15.19 6.08 -15.93
CA GLY A 55 14.29 4.92 -15.75
C GLY A 55 14.08 4.50 -14.31
N PHE A 56 14.40 5.32 -13.30
CA PHE A 56 14.19 4.91 -11.88
C PHE A 56 12.80 5.39 -11.43
N SER A 57 12.08 4.53 -10.72
CA SER A 57 10.81 4.87 -10.03
C SER A 57 11.12 5.94 -8.98
N THR A 58 10.37 7.03 -9.02
CA THR A 58 10.64 8.27 -8.25
C THR A 58 9.33 8.79 -7.69
N TRP A 59 9.31 9.28 -6.44
CA TRP A 59 8.12 9.99 -5.92
C TRP A 59 8.25 11.46 -6.34
N LEU A 60 7.18 11.99 -6.90
CA LEU A 60 7.00 13.42 -7.22
C LEU A 60 7.01 14.18 -5.90
N LYS A 61 7.83 15.22 -5.77
CA LYS A 61 7.81 16.09 -4.57
C LYS A 61 6.68 17.10 -4.76
N LEU A 62 5.79 17.21 -3.78
CA LEU A 62 4.62 18.10 -3.95
C LEU A 62 5.07 19.57 -3.93
N ASN A 63 6.18 19.89 -3.26
CA ASN A 63 6.55 21.32 -2.99
C ASN A 63 7.52 21.83 -4.07
N LYS A 64 7.55 21.18 -5.23
CA LYS A 64 8.41 21.62 -6.35
C LYS A 64 7.61 21.57 -7.65
N LYS A 65 7.98 22.45 -8.58
CA LYS A 65 7.45 22.45 -9.96
C LYS A 65 7.61 21.04 -10.55
N VAL A 66 6.54 20.53 -11.16
CA VAL A 66 6.60 19.19 -11.79
C VAL A 66 7.73 19.13 -12.81
N THR A 67 7.81 20.09 -13.73
CA THR A 67 8.75 19.97 -14.87
C THR A 67 10.18 20.17 -14.40
N ALA A 68 10.43 20.67 -13.17
CA ALA A 68 11.80 20.79 -12.63
C ALA A 68 12.32 19.46 -12.06
N GLN A 69 11.45 18.48 -11.87
CA GLN A 69 11.88 17.17 -11.31
C GLN A 69 12.33 16.35 -12.53
N ASP A 70 12.95 15.20 -12.36
CA ASP A 70 13.58 14.57 -13.55
C ASP A 70 12.54 13.80 -14.36
N VAL A 71 11.46 14.48 -14.79
CA VAL A 71 10.38 13.86 -15.60
C VAL A 71 10.91 13.67 -17.03
N ARG A 72 10.36 12.71 -17.75
CA ARG A 72 10.93 12.30 -19.06
C ARG A 72 10.44 13.26 -20.16
N LYS A 73 11.14 13.33 -21.29
CA LYS A 73 10.77 14.12 -22.51
C LYS A 73 9.67 13.38 -23.26
N GLU A 74 8.65 12.92 -22.55
CA GLU A 74 7.48 12.18 -23.09
C GLU A 74 6.35 13.18 -23.23
N SER A 75 5.30 12.78 -23.92
CA SER A 75 3.97 13.44 -23.90
C SER A 75 2.92 12.38 -24.20
N PRO A 76 1.93 12.17 -23.31
CA PRO A 76 1.84 12.89 -22.04
C PRO A 76 2.86 12.40 -20.98
N LEU A 77 3.08 13.20 -19.93
CA LEU A 77 3.81 12.74 -18.70
C LEU A 77 2.96 11.67 -18.03
N LEU A 78 3.58 10.57 -17.60
CA LEU A 78 2.86 9.43 -16.99
C LEU A 78 3.16 9.43 -15.48
N PHE A 79 2.13 9.23 -14.68
CA PHE A 79 2.32 9.03 -13.22
C PHE A 79 1.44 7.89 -12.80
N LYS A 80 1.86 7.21 -11.73
CA LYS A 80 1.05 6.21 -11.02
C LYS A 80 0.71 6.75 -9.62
N PHE A 81 -0.56 6.83 -9.31
CA PHE A 81 -1.05 7.26 -7.99
C PHE A 81 -1.05 6.00 -7.13
N ARG A 82 -0.25 6.02 -6.07
CA ARG A 82 -0.03 4.83 -5.23
C ARG A 82 0.11 5.26 -3.78
N ALA A 83 -0.19 4.34 -2.88
CA ALA A 83 0.11 4.53 -1.45
C ALA A 83 1.62 4.49 -1.21
N LYS A 84 2.15 5.49 -0.52
CA LYS A 84 3.57 5.59 -0.12
C LYS A 84 3.70 5.15 1.34
N PHE A 85 2.67 5.39 2.12
CA PHE A 85 2.63 5.06 3.57
C PHE A 85 1.44 4.17 3.83
N TYR A 86 1.57 3.29 4.82
CA TYR A 86 0.50 2.38 5.28
C TYR A 86 0.08 2.71 6.70
N PRO A 87 -1.22 2.54 7.05
CA PRO A 87 -1.64 2.66 8.44
C PRO A 87 -1.14 1.49 9.28
N GLU A 88 -1.16 1.67 10.60
CA GLU A 88 -0.86 0.58 11.57
C GLU A 88 -2.07 -0.36 11.60
N ASP A 89 -3.29 0.15 11.43
CA ASP A 89 -4.51 -0.68 11.53
C ASP A 89 -5.55 -0.16 10.54
N VAL A 90 -5.84 -0.96 9.52
CA VAL A 90 -6.77 -0.55 8.43
C VAL A 90 -8.17 -0.27 8.99
N SER A 91 -8.69 -1.08 9.91
CA SER A 91 -10.04 -0.89 10.50
C SER A 91 -10.19 0.53 11.04
N GLU A 92 -9.21 0.97 11.82
CA GLU A 92 -9.23 2.28 12.54
C GLU A 92 -9.00 3.44 11.56
N GLU A 93 -8.16 3.22 10.54
CA GLU A 93 -7.48 4.34 9.87
C GLU A 93 -7.85 4.49 8.39
N LEU A 94 -8.40 3.50 7.70
CA LEU A 94 -8.83 3.74 6.30
C LEU A 94 -10.34 3.99 6.32
N ILE A 95 -10.74 5.26 6.24
CA ILE A 95 -12.12 5.72 6.52
C ILE A 95 -12.98 5.47 5.26
N GLN A 96 -12.48 5.86 4.10
CA GLN A 96 -13.30 5.98 2.86
C GLN A 96 -13.24 4.67 2.08
N ASP A 97 -14.33 4.34 1.39
CA ASP A 97 -14.38 3.14 0.50
C ASP A 97 -13.28 3.27 -0.57
N ILE A 98 -13.06 4.45 -1.19
CA ILE A 98 -12.03 4.61 -2.27
C ILE A 98 -10.63 4.28 -1.70
N THR A 99 -10.37 4.71 -0.49
CA THR A 99 -9.05 4.54 0.16
C THR A 99 -8.85 3.03 0.37
N GLN A 100 -9.89 2.39 0.89
CA GLN A 100 -9.82 0.93 1.16
C GLN A 100 -9.60 0.23 -0.16
N ARG A 101 -10.32 0.61 -1.21
CA ARG A 101 -10.21 -0.11 -2.51
C ARG A 101 -8.81 0.08 -3.08
N LEU A 102 -8.22 1.28 -3.01
CA LEU A 102 -6.89 1.48 -3.63
C LEU A 102 -5.81 0.76 -2.83
N PHE A 103 -5.90 0.72 -1.51
CA PHE A 103 -4.94 -0.08 -0.70
C PHE A 103 -5.10 -1.55 -1.07
N PHE A 104 -6.34 -2.03 -1.10
CA PHE A 104 -6.67 -3.44 -1.41
C PHE A 104 -6.00 -3.83 -2.71
N LEU A 105 -6.17 -3.03 -3.77
CA LEU A 105 -5.66 -3.41 -5.10
C LEU A 105 -4.15 -3.35 -5.12
N GLN A 106 -3.53 -2.38 -4.46
CA GLN A 106 -2.06 -2.23 -4.47
C GLN A 106 -1.42 -3.39 -3.69
N VAL A 107 -1.99 -3.72 -2.53
CA VAL A 107 -1.48 -4.84 -1.69
C VAL A 107 -1.65 -6.16 -2.47
N LYS A 108 -2.85 -6.41 -2.96
CA LYS A 108 -3.11 -7.67 -3.74
C LYS A 108 -2.14 -7.77 -4.91
N GLU A 109 -1.83 -6.66 -5.61
CA GLU A 109 -0.80 -6.71 -6.68
C GLU A 109 0.52 -7.28 -6.14
N GLY A 110 0.94 -6.83 -4.96
CA GLY A 110 2.21 -7.24 -4.35
C GLY A 110 2.13 -8.65 -3.77
N ILE A 111 0.96 -9.10 -3.36
CA ILE A 111 0.78 -10.51 -2.95
C ILE A 111 0.95 -11.39 -4.18
N LEU A 112 0.26 -11.06 -5.28
CA LEU A 112 0.18 -11.96 -6.46
C LEU A 112 1.52 -12.03 -7.23
N ASN A 113 2.36 -10.98 -7.19
CA ASN A 113 3.68 -11.00 -7.88
C ASN A 113 4.78 -11.43 -6.91
N ASP A 114 4.43 -11.85 -5.68
CA ASP A 114 5.43 -12.44 -4.77
C ASP A 114 6.32 -11.38 -4.11
N ASP A 115 6.10 -10.07 -4.38
CA ASP A 115 6.75 -8.97 -3.63
C ASP A 115 6.48 -9.07 -2.12
N ILE A 116 5.25 -9.43 -1.73
CA ILE A 116 4.83 -9.56 -0.32
C ILE A 116 4.65 -11.05 -0.05
N TYR A 117 5.60 -11.68 0.65
CA TYR A 117 5.50 -13.13 0.96
C TYR A 117 4.16 -13.43 1.59
N CYS A 118 3.56 -14.57 1.22
CA CYS A 118 2.26 -14.98 1.79
C CYS A 118 2.20 -16.51 1.78
N PRO A 119 2.03 -17.14 2.94
CA PRO A 119 1.98 -18.60 2.97
C PRO A 119 0.71 -19.08 2.26
N PRO A 120 0.73 -20.31 1.68
CA PRO A 120 -0.41 -20.83 0.93
C PRO A 120 -1.79 -20.71 1.57
N GLU A 121 -1.89 -21.12 2.83
CA GLU A 121 -3.20 -21.20 3.53
C GLU A 121 -3.76 -19.75 3.65
N THR A 122 -2.89 -18.78 3.91
CA THR A 122 -3.27 -17.34 3.96
C THR A 122 -3.65 -16.88 2.55
N ALA A 123 -2.91 -17.31 1.53
CA ALA A 123 -3.17 -16.91 0.12
C ALA A 123 -4.56 -17.37 -0.28
N VAL A 124 -5.01 -18.55 0.16
CA VAL A 124 -6.35 -19.09 -0.13
C VAL A 124 -7.42 -18.22 0.51
N LEU A 125 -7.24 -17.84 1.79
CA LEU A 125 -8.24 -16.98 2.48
CA LEU A 125 -8.21 -16.97 2.50
C LEU A 125 -8.25 -15.62 1.79
N LEU A 126 -7.08 -15.07 1.49
CA LEU A 126 -7.06 -13.75 0.79
C LEU A 126 -7.83 -13.86 -0.54
N ALA A 127 -7.56 -14.89 -1.33
CA ALA A 127 -8.21 -15.10 -2.64
C ALA A 127 -9.74 -15.14 -2.46
N SER A 128 -10.25 -15.81 -1.42
CA SER A 128 -11.68 -15.96 -1.11
C SER A 128 -12.32 -14.60 -0.89
N TYR A 129 -11.63 -13.67 -0.25
CA TYR A 129 -12.12 -12.28 -0.07
C TYR A 129 -12.06 -11.49 -1.40
N ALA A 130 -11.00 -11.66 -2.17
CA ALA A 130 -10.85 -11.05 -3.52
C ALA A 130 -12.00 -11.56 -4.42
N VAL A 131 -12.35 -12.85 -4.33
CA VAL A 131 -13.52 -13.41 -5.08
C VAL A 131 -14.83 -12.81 -4.63
N GLN A 132 -15.11 -12.74 -3.33
CA GLN A 132 -16.33 -12.11 -2.78
C GLN A 132 -16.45 -10.67 -3.27
N SER A 133 -15.34 -9.96 -3.35
CA SER A 133 -15.32 -8.55 -3.81
C SER A 133 -15.70 -8.48 -5.29
N LYS A 134 -15.12 -9.35 -6.09
CA LYS A 134 -15.27 -9.34 -7.58
C LYS A 134 -16.67 -9.82 -8.00
N TYR A 135 -17.14 -10.95 -7.44
CA TYR A 135 -18.34 -11.70 -7.89
C TYR A 135 -19.54 -11.49 -6.99
N GLY A 136 -19.36 -11.02 -5.75
CA GLY A 136 -20.46 -11.02 -4.77
C GLY A 136 -20.77 -12.44 -4.30
N ASP A 137 -21.96 -12.67 -3.78
CA ASP A 137 -22.36 -13.93 -3.14
C ASP A 137 -22.25 -15.11 -4.10
N PHE A 138 -21.69 -16.18 -3.60
CA PHE A 138 -21.60 -17.46 -4.33
C PHE A 138 -23.01 -17.92 -4.64
N ASN A 139 -23.25 -18.41 -5.86
CA ASN A 139 -24.57 -18.97 -6.28
C ASN A 139 -24.25 -20.18 -7.16
N LYS A 140 -24.69 -21.38 -6.79
CA LYS A 140 -24.15 -22.62 -7.42
C LYS A 140 -24.62 -22.73 -8.89
N GLU A 141 -25.65 -21.99 -9.30
CA GLU A 141 -26.12 -21.89 -10.71
C GLU A 141 -25.12 -21.15 -11.60
N VAL A 142 -24.51 -20.06 -11.11
CA VAL A 142 -23.60 -19.23 -11.95
C VAL A 142 -22.15 -19.65 -11.72
N HIS A 143 -21.80 -19.89 -10.47
CA HIS A 143 -20.42 -20.15 -10.03
C HIS A 143 -20.25 -21.67 -10.13
N LYS A 144 -20.36 -22.18 -11.34
CA LYS A 144 -20.17 -23.62 -11.65
C LYS A 144 -18.69 -23.93 -11.60
N SER A 145 -18.34 -25.22 -11.58
CA SER A 145 -16.95 -25.66 -11.79
C SER A 145 -16.32 -24.86 -12.92
N GLY A 146 -15.14 -24.28 -12.69
CA GLY A 146 -14.38 -23.45 -13.64
C GLY A 146 -14.64 -21.94 -13.52
N TYR A 147 -15.54 -21.47 -12.65
CA TYR A 147 -15.91 -20.03 -12.62
C TYR A 147 -14.70 -19.15 -12.27
N LEU A 148 -13.69 -19.68 -11.56
CA LEU A 148 -12.47 -18.92 -11.21
C LEU A 148 -11.31 -19.26 -12.13
N ALA A 149 -11.52 -20.13 -13.12
CA ALA A 149 -10.43 -20.67 -13.98
C ALA A 149 -9.71 -19.53 -14.70
N GLY A 150 -10.38 -18.39 -14.87
CA GLY A 150 -9.85 -17.25 -15.64
C GLY A 150 -9.24 -16.14 -14.80
N ASP A 151 -9.09 -16.33 -13.48
CA ASP A 151 -8.70 -15.26 -12.50
C ASP A 151 -7.27 -15.50 -12.00
N LYS A 152 -6.49 -14.44 -11.85
CA LYS A 152 -5.18 -14.47 -11.12
C LYS A 152 -5.46 -14.32 -9.61
N LEU A 153 -5.40 -15.41 -8.85
CA LEU A 153 -5.94 -15.44 -7.47
C LEU A 153 -4.87 -15.76 -6.45
N LEU A 154 -3.82 -16.48 -6.86
CA LEU A 154 -2.74 -16.92 -5.93
C LEU A 154 -1.38 -16.43 -6.38
N PRO A 155 -0.44 -16.25 -5.44
CA PRO A 155 0.93 -15.93 -5.82
C PRO A 155 1.53 -17.06 -6.68
N GLN A 156 2.39 -16.69 -7.62
CA GLN A 156 3.08 -17.67 -8.49
C GLN A 156 3.87 -18.65 -7.59
N ARG A 157 4.54 -18.17 -6.54
CA ARG A 157 5.35 -19.10 -5.68
C ARG A 157 4.49 -20.14 -4.98
N VAL A 158 3.23 -19.84 -4.69
CA VAL A 158 2.26 -20.84 -4.11
C VAL A 158 1.85 -21.84 -5.18
N LEU A 159 1.54 -21.37 -6.39
CA LEU A 159 1.13 -22.22 -7.55
C LEU A 159 2.25 -23.18 -7.96
N GLU A 160 3.50 -22.67 -7.97
CA GLU A 160 4.79 -23.40 -8.28
C GLU A 160 5.02 -24.52 -7.26
N GLN A 161 5.31 -24.15 -6.00
CA GLN A 161 5.92 -25.04 -4.97
C GLN A 161 4.95 -26.13 -4.51
N HIS A 162 3.71 -26.18 -5.03
CA HIS A 162 2.77 -27.29 -4.78
C HIS A 162 2.49 -28.04 -6.08
N LYS A 163 1.93 -29.24 -5.96
CA LYS A 163 1.56 -30.11 -7.11
C LYS A 163 0.04 -30.22 -7.23
N LEU A 164 -0.71 -29.41 -6.48
CA LEU A 164 -2.15 -29.15 -6.76
C LEU A 164 -2.21 -28.53 -8.16
N ASN A 165 -3.20 -28.89 -8.96
CA ASN A 165 -3.44 -28.24 -10.27
C ASN A 165 -4.41 -27.08 -10.07
N LYS A 166 -4.61 -26.31 -11.13
CA LYS A 166 -5.56 -25.17 -11.19
C LYS A 166 -6.86 -25.55 -10.47
N ASP A 167 -7.47 -26.68 -10.87
CA ASP A 167 -8.82 -27.11 -10.44
C ASP A 167 -8.88 -27.31 -8.92
N GLN A 168 -7.83 -27.85 -8.34
CA GLN A 168 -7.80 -28.14 -6.87
C GLN A 168 -7.68 -26.82 -6.09
N TRP A 169 -6.88 -25.87 -6.55
CA TRP A 169 -6.78 -24.52 -5.94
C TRP A 169 -8.14 -23.83 -6.03
N GLU A 170 -8.81 -23.89 -7.18
CA GLU A 170 -10.16 -23.25 -7.32
C GLU A 170 -11.13 -23.85 -6.33
N GLU A 171 -11.15 -25.17 -6.14
CA GLU A 171 -12.06 -25.84 -5.19
C GLU A 171 -11.77 -25.30 -3.77
N ARG A 172 -10.50 -25.12 -3.40
CA ARG A 172 -10.14 -24.69 -2.00
C ARG A 172 -10.64 -23.25 -1.77
N ILE A 173 -10.51 -22.40 -2.80
CA ILE A 173 -10.92 -20.97 -2.71
C ILE A 173 -12.44 -20.94 -2.63
N GLN A 174 -13.12 -21.79 -3.42
CA GLN A 174 -14.61 -21.84 -3.40
C GLN A 174 -15.18 -22.14 -2.01
N VAL A 175 -14.58 -23.06 -1.25
CA VAL A 175 -15.08 -23.39 0.11
C VAL A 175 -15.23 -22.09 0.92
N TRP A 176 -14.25 -21.19 0.82
CA TRP A 176 -14.26 -19.93 1.60
C TRP A 176 -15.15 -18.92 0.90
N HIS A 177 -15.22 -18.93 -0.44
CA HIS A 177 -16.17 -18.03 -1.15
C HIS A 177 -17.57 -18.31 -0.65
N GLU A 178 -17.93 -19.59 -0.56
CA GLU A 178 -19.29 -19.98 -0.07
C GLU A 178 -19.54 -19.45 1.34
N GLU A 179 -18.51 -19.50 2.18
CA GLU A 179 -18.61 -19.06 3.60
C GLU A 179 -18.89 -17.55 3.68
N HIS A 180 -18.54 -16.74 2.66
CA HIS A 180 -18.66 -15.26 2.73
C HIS A 180 -20.02 -14.77 2.26
N ARG A 181 -21.02 -15.66 2.07
CA ARG A 181 -22.37 -15.27 1.60
C ARG A 181 -22.98 -14.25 2.56
N GLY A 182 -23.40 -13.11 2.05
CA GLY A 182 -24.05 -12.03 2.83
C GLY A 182 -23.11 -10.88 3.08
N MET A 183 -21.86 -10.99 2.63
CA MET A 183 -20.82 -9.95 2.86
C MET A 183 -20.86 -8.94 1.72
N LEU A 184 -20.99 -7.65 2.01
CA LEU A 184 -20.88 -6.62 0.97
C LEU A 184 -19.48 -6.68 0.38
N ARG A 185 -19.36 -6.37 -0.90
CA ARG A 185 -18.05 -6.43 -1.58
C ARG A 185 -17.06 -5.55 -0.81
N GLU A 186 -17.47 -4.35 -0.36
CA GLU A 186 -16.59 -3.42 0.39
C GLU A 186 -16.15 -4.03 1.72
N ASP A 187 -16.98 -4.86 2.37
CA ASP A 187 -16.63 -5.52 3.65
C ASP A 187 -15.61 -6.62 3.38
N ALA A 188 -15.69 -7.28 2.22
CA ALA A 188 -14.71 -8.31 1.82
C ALA A 188 -13.37 -7.59 1.60
N VAL A 189 -13.40 -6.42 0.99
CA VAL A 189 -12.13 -5.67 0.75
C VAL A 189 -11.41 -5.40 2.07
N LEU A 190 -12.17 -4.95 3.06
CA LEU A 190 -11.62 -4.68 4.41
C LEU A 190 -11.12 -5.96 5.06
N GLU A 191 -11.88 -7.07 5.03
CA GLU A 191 -11.37 -8.34 5.60
C GLU A 191 -10.08 -8.79 4.90
N TYR A 192 -9.94 -8.60 3.60
CA TYR A 192 -8.68 -8.87 2.85
C TYR A 192 -7.53 -8.11 3.52
N LEU A 193 -7.71 -6.79 3.68
CA LEU A 193 -6.68 -5.90 4.27
C LEU A 193 -6.37 -6.28 5.72
N LYS A 194 -7.37 -6.69 6.50
CA LYS A 194 -7.15 -7.11 7.90
CA LYS A 194 -7.15 -7.13 7.90
C LYS A 194 -6.23 -8.35 7.94
N ILE A 195 -6.37 -9.28 7.00
CA ILE A 195 -5.45 -10.44 6.95
C ILE A 195 -4.09 -10.00 6.44
N ALA A 196 -4.05 -9.23 5.34
CA ALA A 196 -2.80 -8.86 4.66
C ALA A 196 -1.91 -8.08 5.63
N GLN A 197 -2.50 -7.21 6.48
CA GLN A 197 -1.69 -6.26 7.29
C GLN A 197 -0.91 -7.01 8.36
N ASP A 198 -1.19 -8.30 8.63
CA ASP A 198 -0.42 -9.07 9.63
C ASP A 198 0.72 -9.86 8.98
N LEU A 199 0.88 -9.81 7.66
CA LEU A 199 1.99 -10.47 6.94
C LEU A 199 3.30 -9.73 7.30
N GLU A 200 4.38 -10.48 7.46
CA GLU A 200 5.68 -9.93 7.91
C GLU A 200 6.19 -8.87 6.94
N MET A 201 5.94 -9.03 5.65
CA MET A 201 6.50 -8.09 4.63
C MET A 201 5.51 -6.97 4.32
N TYR A 202 4.30 -6.99 4.86
CA TYR A 202 3.28 -5.97 4.54
C TYR A 202 3.79 -4.58 4.96
N GLY A 203 3.73 -3.62 4.05
CA GLY A 203 4.02 -2.21 4.34
C GLY A 203 5.49 -1.94 4.61
N VAL A 204 6.38 -2.88 4.28
CA VAL A 204 7.84 -2.74 4.52
C VAL A 204 8.56 -2.30 3.23
N ASN A 205 9.28 -1.17 3.29
CA ASN A 205 10.21 -0.73 2.24
C ASN A 205 11.59 -1.28 2.60
N TYR A 206 12.15 -2.14 1.76
CA TYR A 206 13.46 -2.78 1.98
C TYR A 206 14.54 -2.04 1.23
N PHE A 207 15.69 -1.89 1.87
CA PHE A 207 16.91 -1.29 1.28
C PHE A 207 18.13 -2.13 1.66
N SER A 208 19.02 -2.26 0.69
CA SER A 208 20.29 -3.03 0.82
C SER A 208 21.34 -2.15 1.54
N ILE A 209 21.85 -2.61 2.68
CA ILE A 209 22.78 -1.82 3.56
C ILE A 209 23.93 -2.74 3.97
N LYS A 210 24.93 -2.18 4.67
CA LYS A 210 26.01 -2.93 5.39
C LYS A 210 26.20 -2.38 6.79
N ASN A 211 26.68 -3.20 7.73
CA ASN A 211 27.12 -2.68 9.04
C ASN A 211 28.60 -2.28 8.85
N LYS A 212 29.19 -1.76 9.92
CA LYS A 212 30.61 -1.33 9.97
C LYS A 212 31.47 -2.44 9.37
N LYS A 213 31.32 -3.63 9.96
CA LYS A 213 32.11 -4.84 9.65
C LYS A 213 31.97 -5.21 8.17
N GLY A 214 30.87 -4.80 7.51
CA GLY A 214 30.66 -5.07 6.07
C GLY A 214 29.69 -6.22 5.79
N SER A 215 29.00 -6.75 6.82
CA SER A 215 27.95 -7.78 6.63
C SER A 215 26.80 -7.17 5.81
N GLU A 216 26.40 -7.83 4.72
CA GLU A 216 25.29 -7.38 3.84
C GLU A 216 23.96 -7.65 4.54
N LEU A 217 23.13 -6.61 4.68
CA LEU A 217 21.88 -6.70 5.46
C LEU A 217 20.80 -5.95 4.69
N TRP A 218 19.59 -6.02 5.21
CA TRP A 218 18.44 -5.18 4.77
C TRP A 218 18.01 -4.26 5.89
N LEU A 219 17.69 -3.03 5.48
CA LEU A 219 16.92 -2.09 6.28
C LEU A 219 15.47 -2.20 5.81
N GLY A 220 14.58 -2.32 6.77
CA GLY A 220 13.14 -2.15 6.55
C GLY A 220 12.70 -0.84 7.16
N VAL A 221 11.98 -0.05 6.38
CA VAL A 221 11.28 1.16 6.89
C VAL A 221 9.78 0.90 6.81
N ASP A 222 9.08 0.98 7.94
CA ASP A 222 7.62 0.76 7.98
C ASP A 222 6.94 1.71 8.97
N ALA A 223 5.64 1.55 9.13
CA ALA A 223 4.77 2.46 9.91
C ALA A 223 5.21 2.49 11.38
N LEU A 224 5.70 1.37 11.89
CA LEU A 224 6.02 1.13 13.33
C LEU A 224 7.45 1.51 13.64
N GLY A 225 8.35 1.55 12.66
CA GLY A 225 9.76 1.89 12.94
C GLY A 225 10.70 1.38 11.88
N LEU A 226 11.98 1.23 12.25
CA LEU A 226 13.02 0.63 11.40
C LEU A 226 13.29 -0.82 11.87
N ASN A 227 13.75 -1.64 10.94
CA ASN A 227 14.18 -3.03 11.23
C ASN A 227 15.45 -3.32 10.46
N ILE A 228 16.30 -4.17 11.05
CA ILE A 228 17.50 -4.68 10.35
C ILE A 228 17.28 -6.19 10.19
N TYR A 229 17.55 -6.67 9.00
CA TYR A 229 17.31 -8.08 8.63
C TYR A 229 18.60 -8.69 8.11
N GLU A 230 18.78 -9.97 8.38
CA GLU A 230 19.87 -10.72 7.71
C GLU A 230 19.61 -10.72 6.21
N GLN A 231 20.66 -10.80 5.40
CA GLN A 231 20.57 -10.82 3.92
C GLN A 231 19.53 -11.85 3.48
N ASN A 232 19.48 -13.01 4.11
CA ASN A 232 18.72 -14.12 3.49
C ASN A 232 17.36 -14.30 4.21
N ASP A 233 16.92 -13.37 5.08
CA ASP A 233 15.65 -13.47 5.85
C ASP A 233 14.98 -12.11 6.02
N ARG A 234 14.15 -11.71 5.07
CA ARG A 234 13.39 -10.42 5.12
C ARG A 234 12.09 -10.59 5.89
N LEU A 235 11.85 -11.73 6.52
CA LEU A 235 10.62 -11.95 7.31
C LEU A 235 10.83 -11.54 8.77
N THR A 236 11.94 -11.94 9.39
CA THR A 236 12.12 -11.76 10.86
C THR A 236 13.24 -10.75 11.12
N PRO A 237 12.91 -9.56 11.69
CA PRO A 237 13.92 -8.59 12.08
C PRO A 237 14.91 -9.23 13.06
N LYS A 238 16.19 -8.93 12.89
CA LYS A 238 17.27 -9.24 13.86
C LYS A 238 17.30 -8.14 14.92
N ILE A 239 17.07 -6.89 14.53
CA ILE A 239 16.95 -5.73 15.45
C ILE A 239 15.77 -4.87 15.00
N GLY A 240 15.07 -4.28 15.95
CA GLY A 240 13.96 -3.35 15.72
C GLY A 240 14.20 -2.04 16.44
N PHE A 241 13.93 -0.92 15.76
CA PHE A 241 13.92 0.42 16.35
C PHE A 241 12.54 1.02 16.16
N PRO A 242 11.65 0.93 17.16
CA PRO A 242 10.36 1.62 17.11
C PRO A 242 10.52 3.14 16.91
N TRP A 243 9.56 3.79 16.21
CA TRP A 243 9.65 5.26 16.01
C TRP A 243 9.71 5.98 17.36
N SER A 244 9.10 5.43 18.42
CA SER A 244 9.05 6.04 19.78
C SER A 244 10.45 6.13 20.39
N GLU A 245 11.44 5.43 19.82
CA GLU A 245 12.81 5.29 20.38
C GLU A 245 13.84 6.04 19.53
N ILE A 246 13.40 6.64 18.41
CA ILE A 246 14.31 7.32 17.46
C ILE A 246 14.23 8.84 17.69
N ARG A 247 15.37 9.43 18.05
CA ARG A 247 15.51 10.89 18.25
C ARG A 247 15.68 11.51 16.87
N ASN A 248 16.53 10.91 16.04
CA ASN A 248 16.95 11.49 14.75
C ASN A 248 17.51 10.39 13.85
N ILE A 249 17.26 10.52 12.55
CA ILE A 249 17.86 9.77 11.41
C ILE A 249 18.58 10.77 10.53
N SER A 250 19.83 10.53 10.19
CA SER A 250 20.61 11.37 9.27
C SER A 250 21.55 10.47 8.47
N PHE A 251 22.01 10.95 7.32
CA PHE A 251 23.11 10.33 6.55
C PHE A 251 24.06 11.41 6.05
N ASN A 252 25.30 11.02 5.92
CA ASN A 252 26.37 11.83 5.29
C ASN A 252 27.28 10.86 4.56
N ASP A 253 27.32 10.98 3.24
CA ASP A 253 28.24 10.19 2.39
C ASP A 253 28.18 8.70 2.80
N LYS A 254 27.03 8.07 2.58
CA LYS A 254 26.83 6.59 2.70
C LYS A 254 26.60 6.17 4.15
N LYS A 255 26.98 6.99 5.13
CA LYS A 255 26.88 6.64 6.56
C LYS A 255 25.58 7.18 7.14
N PHE A 256 24.68 6.29 7.56
CA PHE A 256 23.46 6.61 8.34
C PHE A 256 23.70 6.46 9.84
N VAL A 257 23.11 7.36 10.60
CA VAL A 257 23.14 7.33 12.09
C VAL A 257 21.71 7.40 12.61
N ILE A 258 21.35 6.43 13.43
CA ILE A 258 20.05 6.39 14.16
C ILE A 258 20.34 6.79 15.61
N LYS A 259 19.98 8.02 16.00
CA LYS A 259 20.15 8.51 17.40
C LYS A 259 18.97 8.09 18.23
N PRO A 260 19.18 7.52 19.44
CA PRO A 260 18.07 7.09 20.30
C PRO A 260 17.48 8.23 21.13
N ILE A 261 16.23 8.08 21.59
CA ILE A 261 15.54 9.01 22.54
C ILE A 261 16.28 8.96 23.87
N ASP A 262 16.57 7.76 24.37
CA ASP A 262 17.43 7.58 25.58
C ASP A 262 18.85 8.03 25.21
N LYS A 263 19.25 9.20 25.71
CA LYS A 263 20.53 9.86 25.31
C LYS A 263 21.74 9.04 25.80
N LYS A 264 21.56 7.99 26.61
CA LYS A 264 22.68 7.18 27.18
C LYS A 264 22.92 5.91 26.37
N ALA A 265 21.93 5.45 25.59
CA ALA A 265 22.11 4.33 24.63
C ALA A 265 23.02 4.81 23.51
N PRO A 266 23.77 3.90 22.83
CA PRO A 266 24.63 4.32 21.73
C PRO A 266 23.77 4.63 20.50
N ASP A 267 24.38 5.29 19.52
CA ASP A 267 23.81 5.48 18.18
C ASP A 267 23.91 4.14 17.44
N PHE A 268 23.00 3.84 16.52
CA PHE A 268 23.18 2.72 15.56
C PHE A 268 23.61 3.26 14.18
N VAL A 269 24.66 2.68 13.62
CA VAL A 269 25.27 3.12 12.34
C VAL A 269 25.05 2.01 11.32
N PHE A 270 24.75 2.38 10.09
CA PHE A 270 24.77 1.49 8.89
C PHE A 270 25.14 2.31 7.67
N TYR A 271 25.48 1.61 6.60
CA TYR A 271 26.05 2.19 5.35
C TYR A 271 25.16 1.79 4.18
N ALA A 272 24.87 2.74 3.31
CA ALA A 272 24.09 2.53 2.08
C ALA A 272 24.74 3.36 0.98
N PRO A 273 25.05 2.70 -0.17
CA PRO A 273 25.95 3.27 -1.15
C PRO A 273 25.42 4.38 -2.06
N ARG A 274 24.12 4.46 -2.32
CA ARG A 274 23.58 5.30 -3.43
C ARG A 274 22.93 6.60 -2.90
N LEU A 275 23.44 7.78 -3.24
CA LEU A 275 22.84 9.09 -2.83
C LEU A 275 21.34 9.10 -3.14
N ARG A 276 20.98 8.69 -4.35
CA ARG A 276 19.57 8.68 -4.83
C ARG A 276 18.72 7.89 -3.83
N ILE A 277 19.18 6.72 -3.44
CA ILE A 277 18.41 5.80 -2.57
C ILE A 277 18.45 6.38 -1.16
N ASN A 278 19.57 6.93 -0.72
CA ASN A 278 19.71 7.45 0.67
C ASN A 278 18.68 8.57 0.90
N LYS A 279 18.45 9.42 -0.09
CA LYS A 279 17.43 10.50 0.02
C LYS A 279 16.03 9.87 0.19
N ARG A 280 15.76 8.83 -0.60
CA ARG A 280 14.47 8.10 -0.56
C ARG A 280 14.30 7.47 0.82
N ILE A 281 15.35 6.85 1.37
CA ILE A 281 15.28 6.28 2.75
C ILE A 281 14.89 7.41 3.73
N LEU A 282 15.57 8.54 3.64
CA LEU A 282 15.36 9.64 4.61
C LEU A 282 13.91 10.11 4.49
N ALA A 283 13.41 10.31 3.28
CA ALA A 283 12.03 10.78 3.07
C ALA A 283 11.02 9.79 3.67
N LEU A 284 11.20 8.48 3.50
CA LEU A 284 10.25 7.48 4.08
C LEU A 284 10.34 7.46 5.61
N CYS A 285 11.52 7.67 6.17
CA CYS A 285 11.70 7.73 7.63
C CYS A 285 10.95 8.96 8.15
N MET A 286 11.18 10.13 7.53
CA MET A 286 10.55 11.35 8.07
C MET A 286 9.03 11.21 7.92
N GLY A 287 8.56 10.65 6.79
CA GLY A 287 7.13 10.50 6.52
C GLY A 287 6.49 9.52 7.50
N ASN A 288 7.09 8.35 7.69
CA ASN A 288 6.54 7.33 8.62
C ASN A 288 6.57 7.85 10.07
N HIS A 289 7.61 8.56 10.48
CA HIS A 289 7.70 9.05 11.88
C HIS A 289 6.58 10.05 12.13
N GLU A 290 6.39 10.99 11.21
CA GLU A 290 5.35 12.05 11.31
C GLU A 290 3.96 11.40 11.45
N LEU A 291 3.64 10.38 10.64
CA LEU A 291 2.30 9.73 10.74
C LEU A 291 2.23 8.90 12.04
N TYR A 292 3.34 8.31 12.50
CA TYR A 292 3.35 7.54 13.77
C TYR A 292 2.88 8.45 14.93
N MET A 293 3.41 9.67 15.00
CA MET A 293 3.15 10.62 16.13
C MET A 293 1.72 11.16 15.97
N ARG A 294 1.36 11.48 14.73
CA ARG A 294 0.02 12.03 14.41
C ARG A 294 -1.10 11.06 14.81
N ARG A 295 -0.95 9.75 14.60
CA ARG A 295 -2.08 8.81 14.88
C ARG A 295 -2.15 8.55 16.39
N ARG A 296 -1.20 9.09 17.17
CA ARG A 296 -1.18 8.95 18.65
C ARG A 296 -1.82 10.18 19.30
N LYS A 297 -2.03 11.25 18.54
CA LYS A 297 -2.80 12.44 18.95
C LYS A 297 -4.25 12.20 18.55
N PRO A 298 -5.21 13.01 19.08
CA PRO A 298 -6.62 12.73 18.83
C PRO A 298 -6.92 13.14 17.37
N ASP A 299 -7.83 12.41 16.72
CA ASP A 299 -8.39 12.78 15.38
C ASP A 299 -8.57 14.31 15.35
N THR A 300 -8.07 15.00 14.32
CA THR A 300 -8.46 16.41 13.99
C THR A 300 -9.96 16.46 13.69
N ILE A 301 -10.58 17.64 13.77
CA ILE A 301 -12.04 17.80 13.53
C ILE A 301 -12.36 17.40 12.09
N GLU A 302 -11.43 17.74 11.17
CA GLU A 302 -11.40 17.39 9.72
C GLU A 302 -11.64 15.88 9.52
N VAL A 303 -10.88 15.07 10.25
CA VAL A 303 -10.95 13.57 10.20
C VAL A 303 -12.33 13.12 10.69
N GLN A 304 -12.78 13.64 11.84
CA GLN A 304 -14.14 13.37 12.40
C GLN A 304 -15.22 13.61 11.32
N GLN A 305 -15.10 14.68 10.55
CA GLN A 305 -16.04 15.07 9.46
C GLN A 305 -15.94 14.08 8.28
N MET A 306 -14.74 13.56 7.99
CA MET A 306 -14.55 12.51 6.94
C MET A 306 -15.24 11.23 7.40
N LYS A 307 -15.04 10.89 8.68
CA LYS A 307 -15.65 9.70 9.34
C LYS A 307 -17.17 9.81 9.21
N ALA A 308 -17.72 10.99 9.50
CA ALA A 308 -19.17 11.32 9.40
C ALA A 308 -19.66 11.12 7.97
N GLN A 309 -18.99 11.76 6.99
CA GLN A 309 -19.32 11.67 5.55
C GLN A 309 -19.31 10.19 5.13
N ALA A 310 -18.26 9.44 5.50
CA ALA A 310 -18.10 8.02 5.12
C ALA A 310 -19.29 7.20 5.65
N ARG A 311 -19.61 7.35 6.94
CA ARG A 311 -20.73 6.65 7.64
C ARG A 311 -22.07 6.97 6.94
N GLU A 312 -22.30 8.23 6.60
CA GLU A 312 -23.54 8.70 5.92
C GLU A 312 -23.56 8.15 4.48
N GLU A 313 -22.43 8.19 3.74
CA GLU A 313 -22.38 7.61 2.37
C GLU A 313 -22.74 6.13 2.44
N LYS A 314 -22.20 5.41 3.44
CA LYS A 314 -22.44 3.95 3.64
C LYS A 314 -23.93 3.75 3.96
N HIS A 315 -24.48 4.56 4.86
CA HIS A 315 -25.91 4.48 5.24
C HIS A 315 -26.77 4.66 3.98
N GLN A 316 -26.48 5.70 3.19
CA GLN A 316 -27.19 6.03 1.93
C GLN A 316 -27.11 4.82 0.96
N LYS A 317 -25.93 4.21 0.78
CA LYS A 317 -25.79 3.09 -0.18
C LYS A 317 -26.67 1.93 0.28
N GLN A 318 -26.77 1.71 1.60
CA GLN A 318 -27.64 0.65 2.17
C GLN A 318 -29.11 0.90 1.81
N MET A 319 -29.53 2.15 1.91
CA MET A 319 -30.92 2.58 1.66
C MET A 319 -31.27 2.28 0.20
N GLU A 320 -30.39 2.70 -0.71
CA GLU A 320 -30.53 2.44 -2.17
C GLU A 320 -30.61 0.94 -2.46
N ARG A 321 -29.76 0.12 -1.81
CA ARG A 321 -29.74 -1.35 -2.02
C ARG A 321 -31.02 -1.92 -1.41
N ALA A 322 -31.47 -1.40 -0.26
CA ALA A 322 -32.74 -1.80 0.41
C ALA A 322 -33.91 -1.56 -0.55
N MET A 323 -33.88 -0.42 -1.25
CA MET A 323 -34.98 0.02 -2.14
C MET A 323 -35.04 -0.93 -3.34
N LEU A 324 -33.87 -1.23 -3.93
CA LEU A 324 -33.75 -2.13 -5.11
C LEU A 324 -34.04 -3.57 -4.67
N GLU A 325 -33.35 -4.07 -3.64
CA GLU A 325 -33.57 -5.41 -3.03
C GLU A 325 -35.07 -5.65 -2.87
N ASN A 326 -35.81 -4.61 -2.47
CA ASN A 326 -37.27 -4.71 -2.18
C ASN A 326 -38.07 -4.81 -3.49
N GLU A 327 -37.97 -3.82 -4.38
CA GLU A 327 -38.77 -3.75 -5.64
C GLU A 327 -39.20 -5.16 -6.08
N LYS A 328 -38.22 -6.07 -6.26
CA LYS A 328 -38.46 -7.53 -6.44
C LYS A 328 -38.05 -8.27 -5.16
C ACT B . 13.03 11.33 12.53
O ACT B . 13.80 10.72 13.27
OXT ACT B . 12.61 12.46 12.78
CH3 ACT B . 12.58 10.64 11.22
#